data_8P3H
#
_entry.id   8P3H
#
_cell.length_a   60.172
_cell.length_b   77.696
_cell.length_c   116.150
_cell.angle_alpha   90.00
_cell.angle_beta   90.00
_cell.angle_gamma   90.00
#
_symmetry.space_group_name_H-M   'P 21 21 21'
#
loop_
_entity.id
_entity.type
_entity.pdbx_description
1 polymer 'Synaptotagmin-like protein 2,Ras-related protein Rab-27A'
2 non-polymer 'PHOSPHOAMINOPHOSPHONIC ACID-GUANYLATE ESTER'
3 non-polymer GLYCEROL
4 non-polymer 'methyl (2~{S})-1-[4-(propanoylamino)phenyl]sulfonylpyrrolidine-2-carboxylate'
5 non-polymer 'MAGNESIUM ION'
6 water water
#
_entity_poly.entity_id   1
_entity_poly.type   'polypeptide(L)'
_entity_poly.pdbx_seq_one_letter_code
;GHMSFLTEEEQEAIMKVLQRDAALKRAEEERGSGSGSGMSDGDYDYLIKFLALGDSGVGKTSVLYQYTDGKFNSKFITTV
GIDFREKRVVYRASGPDGATGRGQRIHLQLWDTAGLERFRSLTTAFFRDAMGFLLLFDLTNEQSFLNVRNWISQLQMHAY
CENPDIVLCGNKSDLEDQRVVKEEEAIALAEKYGIPYFETSAANGTNISQAIEMLLDLIMKRMERSVDKS
;
_entity_poly.pdbx_strand_id   A,B
#
# COMPACT_ATOMS: atom_id res chain seq x y z
N SER A 4 15.67 -2.03 -14.46
CA SER A 4 14.90 -3.09 -15.12
C SER A 4 13.37 -3.04 -14.86
N PHE A 5 12.63 -3.82 -15.64
CA PHE A 5 11.24 -4.12 -15.29
C PHE A 5 11.23 -5.36 -14.41
N LEU A 6 10.08 -5.67 -13.82
CA LEU A 6 10.05 -6.75 -12.84
C LEU A 6 10.13 -8.10 -13.53
N THR A 7 10.99 -8.97 -13.03
CA THR A 7 10.93 -10.36 -13.43
C THR A 7 9.56 -10.89 -13.06
N GLU A 8 9.09 -11.90 -13.78
CA GLU A 8 7.82 -12.49 -13.40
C GLU A 8 7.99 -13.49 -12.28
N GLU A 9 9.23 -13.85 -11.95
CA GLU A 9 9.55 -14.53 -10.71
C GLU A 9 9.88 -13.56 -9.59
N GLU A 10 10.31 -12.34 -9.94
CA GLU A 10 10.37 -11.27 -8.96
C GLU A 10 8.98 -10.86 -8.50
N GLN A 11 7.93 -11.15 -9.29
CA GLN A 11 6.56 -10.84 -8.89
C GLN A 11 5.92 -11.95 -8.08
N GLU A 12 6.32 -13.22 -8.26
CA GLU A 12 5.95 -14.25 -7.29
C GLU A 12 6.38 -13.83 -5.89
N ALA A 13 7.66 -13.53 -5.72
CA ALA A 13 8.19 -13.06 -4.45
C ALA A 13 7.35 -11.94 -3.85
N ILE A 14 7.24 -10.82 -4.58
CA ILE A 14 6.62 -9.61 -4.05
C ILE A 14 5.20 -9.90 -3.58
N MET A 15 4.54 -10.87 -4.18
CA MET A 15 3.14 -11.11 -3.85
C MET A 15 2.94 -12.22 -2.82
N LYS A 16 3.92 -13.07 -2.58
CA LYS A 16 3.79 -13.87 -1.37
C LYS A 16 3.95 -12.98 -0.14
N VAL A 17 4.74 -11.91 -0.25
CA VAL A 17 4.86 -10.98 0.88
C VAL A 17 3.51 -10.36 1.19
N LEU A 18 2.83 -9.79 0.18
CA LEU A 18 1.51 -9.21 0.42
C LEU A 18 0.51 -10.27 0.88
N GLN A 19 0.58 -11.47 0.30
CA GLN A 19 -0.16 -12.60 0.84
C GLN A 19 0.04 -12.67 2.35
N ARG A 20 1.30 -12.77 2.77
N ARG A 20 1.30 -12.79 2.78
CA ARG A 20 1.62 -12.79 4.20
CA ARG A 20 1.62 -12.79 4.21
C ARG A 20 1.19 -11.51 4.90
C ARG A 20 1.16 -11.51 4.89
N ASP A 21 1.13 -10.39 4.16
CA ASP A 21 0.81 -9.12 4.77
C ASP A 21 -0.67 -9.00 5.07
N ALA A 22 -1.52 -9.34 4.09
CA ALA A 22 -2.96 -9.42 4.32
C ALA A 22 -3.28 -10.46 5.39
N ALA A 23 -2.67 -11.65 5.26
CA ALA A 23 -2.82 -12.69 6.28
C ALA A 23 -2.57 -12.12 7.68
N LEU A 24 -1.49 -11.35 7.85
CA LEU A 24 -1.23 -10.73 9.15
C LEU A 24 -2.34 -9.75 9.55
N LYS A 25 -2.77 -8.89 8.62
CA LYS A 25 -3.72 -7.84 8.97
C LYS A 25 -5.07 -8.42 9.38
N ARG A 26 -5.52 -9.48 8.68
CA ARG A 26 -6.73 -10.18 9.07
C ARG A 26 -6.62 -10.88 10.42
N ALA A 27 -5.40 -10.98 10.98
CA ALA A 27 -5.22 -11.59 12.29
C ALA A 27 -5.08 -10.55 13.40
N GLU A 28 -5.58 -9.33 13.20
CA GLU A 28 -5.68 -8.39 14.31
C GLU A 28 -7.08 -8.34 14.90
N GLU A 29 -8.12 -8.28 14.06
CA GLU A 29 -9.47 -8.48 14.55
C GLU A 29 -9.72 -9.95 14.88
N GLU A 30 -9.54 -10.83 13.89
CA GLU A 30 -9.77 -12.26 14.08
C GLU A 30 -8.71 -12.89 14.98
N TYR A 44 -1.15 -9.94 21.10
CA TYR A 44 -0.87 -8.53 20.91
C TYR A 44 -1.90 -7.66 21.63
N ASP A 45 -1.46 -6.48 22.07
CA ASP A 45 -2.32 -5.38 22.48
C ASP A 45 -2.51 -4.38 21.35
N TYR A 46 -1.41 -3.91 20.76
CA TYR A 46 -1.41 -2.96 19.64
C TYR A 46 -0.57 -3.55 18.51
N LEU A 47 -1.08 -3.50 17.28
CA LEU A 47 -0.30 -3.91 16.11
C LEU A 47 0.44 -2.68 15.61
N ILE A 48 1.74 -2.63 15.86
CA ILE A 48 2.56 -1.50 15.48
C ILE A 48 3.45 -1.90 14.32
N LYS A 49 3.49 -1.03 13.30
CA LYS A 49 4.21 -1.28 12.05
C LYS A 49 5.16 -0.13 11.81
N PHE A 50 6.42 -0.41 11.53
CA PHE A 50 7.28 0.62 10.97
C PHE A 50 8.04 0.07 9.77
N LEU A 51 8.66 0.99 9.03
CA LEU A 51 9.20 0.70 7.71
C LEU A 51 10.63 1.18 7.64
N ALA A 52 11.47 0.43 6.93
CA ALA A 52 12.89 0.71 6.79
C ALA A 52 13.17 1.18 5.36
N LEU A 53 13.82 2.33 5.24
CA LEU A 53 14.13 2.88 3.93
C LEU A 53 15.54 3.46 3.92
N GLY A 54 16.07 3.61 2.72
CA GLY A 54 17.43 4.04 2.51
C GLY A 54 17.99 3.37 1.29
N ASP A 55 19.12 3.89 0.82
CA ASP A 55 19.72 3.43 -0.42
C ASP A 55 19.92 1.92 -0.40
N SER A 56 20.04 1.29 -1.56
CA SER A 56 20.36 -0.12 -1.55
C SER A 56 21.76 -0.28 -0.96
N GLY A 57 21.93 -1.31 -0.13
CA GLY A 57 23.20 -1.60 0.48
C GLY A 57 23.44 -0.95 1.83
N VAL A 58 22.51 -0.15 2.35
CA VAL A 58 22.77 0.52 3.62
C VAL A 58 22.75 -0.48 4.78
N GLY A 59 22.04 -1.58 4.63
CA GLY A 59 21.93 -2.59 5.67
C GLY A 59 20.51 -2.74 6.16
N LYS A 60 19.53 -2.20 5.41
CA LYS A 60 18.14 -2.23 5.86
C LYS A 60 17.72 -3.63 6.28
N THR A 61 17.92 -4.61 5.38
CA THR A 61 17.55 -5.98 5.71
C THR A 61 18.39 -6.52 6.85
N SER A 62 19.69 -6.23 6.85
CA SER A 62 20.53 -6.73 7.92
C SER A 62 20.16 -6.13 9.28
N VAL A 63 19.76 -4.87 9.29
CA VAL A 63 19.37 -4.22 10.54
C VAL A 63 18.14 -4.89 11.12
N LEU A 64 17.19 -5.25 10.27
CA LEU A 64 16.01 -5.95 10.79
C LEU A 64 16.37 -7.38 11.19
N TYR A 65 17.18 -8.05 10.38
CA TYR A 65 17.52 -9.44 10.65
C TYR A 65 18.26 -9.56 11.98
N GLN A 66 19.22 -8.66 12.21
CA GLN A 66 19.88 -8.57 13.51
C GLN A 66 18.88 -8.36 14.64
N TYR A 67 17.82 -7.62 14.39
CA TYR A 67 16.93 -7.28 15.48
C TYR A 67 15.95 -8.40 15.76
N THR A 68 15.45 -9.08 14.72
CA THR A 68 14.45 -10.11 14.97
C THR A 68 15.09 -11.45 15.38
N ASP A 69 16.27 -11.77 14.87
CA ASP A 69 16.88 -13.06 15.15
C ASP A 69 18.29 -12.96 15.70
N GLY A 70 18.74 -11.78 16.10
CA GLY A 70 20.11 -11.62 16.58
C GLY A 70 21.16 -12.21 15.67
N LYS A 71 20.85 -12.45 14.42
CA LYS A 71 21.77 -13.02 13.46
C LYS A 71 22.26 -11.93 12.52
N PHE A 72 23.10 -12.32 11.57
CA PHE A 72 23.64 -11.39 10.60
C PHE A 72 24.29 -12.20 9.51
N ASN A 73 24.09 -11.77 8.27
CA ASN A 73 24.66 -12.42 7.11
C ASN A 73 25.48 -11.38 6.34
N SER A 74 26.58 -11.80 5.74
CA SER A 74 27.46 -10.83 5.13
C SER A 74 27.38 -10.81 3.61
N LYS A 75 26.96 -11.89 2.96
CA LYS A 75 26.83 -11.80 1.52
C LYS A 75 25.60 -10.99 1.20
N PHE A 76 25.72 -10.12 0.20
CA PHE A 76 24.63 -9.19 -0.08
C PHE A 76 23.54 -9.90 -0.86
N ILE A 77 22.34 -9.96 -0.29
CA ILE A 77 21.13 -10.43 -0.97
C ILE A 77 20.20 -9.22 -1.03
N THR A 78 20.11 -8.58 -2.18
CA THR A 78 19.32 -7.36 -2.27
C THR A 78 17.83 -7.70 -2.23
N THR A 79 17.07 -6.90 -1.47
CA THR A 79 15.67 -7.22 -1.23
C THR A 79 14.84 -7.09 -2.51
N VAL A 80 14.15 -8.16 -2.89
CA VAL A 80 13.37 -8.16 -4.12
C VAL A 80 12.05 -7.43 -3.82
N GLY A 81 12.00 -6.16 -4.20
CA GLY A 81 10.81 -5.36 -3.97
C GLY A 81 10.60 -4.97 -2.52
N ILE A 82 9.91 -5.82 -1.78
CA ILE A 82 9.62 -5.54 -0.39
C ILE A 82 9.54 -6.86 0.35
N ASP A 83 9.93 -6.82 1.63
CA ASP A 83 9.72 -7.93 2.54
C ASP A 83 9.45 -7.37 3.94
N PHE A 84 9.11 -8.25 4.87
CA PHE A 84 8.88 -7.76 6.22
C PHE A 84 9.12 -8.89 7.22
N ARG A 85 9.94 -8.61 8.22
CA ARG A 85 10.11 -9.50 9.36
C ARG A 85 9.07 -9.16 10.42
N GLU A 86 8.85 -10.12 11.32
CA GLU A 86 7.91 -9.99 12.41
C GLU A 86 8.65 -10.14 13.73
N LYS A 87 8.13 -9.51 14.80
CA LYS A 87 8.71 -9.72 16.13
C LYS A 87 7.72 -9.35 17.21
N ARG A 88 7.52 -10.24 18.18
CA ARG A 88 6.74 -9.95 19.38
C ARG A 88 7.63 -9.37 20.48
N VAL A 89 7.10 -8.39 21.20
CA VAL A 89 7.91 -7.51 22.03
C VAL A 89 7.05 -6.94 23.16
N VAL A 90 7.67 -6.73 24.31
CA VAL A 90 6.99 -6.16 25.46
C VAL A 90 7.45 -4.72 25.62
N TYR A 91 6.58 -3.76 25.24
CA TYR A 91 6.91 -2.34 25.35
C TYR A 91 6.51 -1.81 26.71
N ARG A 92 7.46 -1.14 27.38
CA ARG A 92 7.22 -0.52 28.68
C ARG A 92 7.48 0.98 28.59
N ALA A 93 6.49 1.77 29.01
CA ALA A 93 6.50 3.21 28.79
C ALA A 93 7.59 3.89 29.64
N SER A 94 8.20 4.93 29.09
CA SER A 94 9.23 5.69 29.79
C SER A 94 8.63 6.94 30.42
N ALA A 99 11.59 6.03 35.26
CA ALA A 99 10.42 6.69 35.84
C ALA A 99 9.30 5.70 36.16
N THR A 100 8.61 5.22 35.14
CA THR A 100 7.42 4.38 35.31
C THR A 100 7.49 3.26 34.27
N GLY A 101 6.35 2.64 33.96
CA GLY A 101 6.28 1.69 32.86
C GLY A 101 5.64 0.33 33.15
N ARG A 102 4.54 0.05 32.44
CA ARG A 102 3.84 -1.24 32.51
C ARG A 102 3.92 -1.92 31.15
N GLY A 103 4.22 -3.22 31.17
CA GLY A 103 4.49 -3.94 29.95
C GLY A 103 3.29 -4.17 29.06
N GLN A 104 3.22 -3.43 27.95
CA GLN A 104 2.25 -3.71 26.89
C GLN A 104 2.88 -4.65 25.86
N ARG A 105 2.05 -5.55 25.32
CA ARG A 105 2.48 -6.54 24.35
C ARG A 105 2.31 -5.95 22.96
N ILE A 106 3.42 -5.69 22.27
CA ILE A 106 3.41 -5.07 20.95
C ILE A 106 3.75 -6.14 19.92
N HIS A 107 2.91 -6.25 18.90
CA HIS A 107 3.20 -7.07 17.73
C HIS A 107 3.76 -6.16 16.64
N LEU A 108 5.05 -6.31 16.35
CA LEU A 108 5.73 -5.45 15.39
C LEU A 108 5.74 -6.08 14.00
N GLN A 109 5.37 -5.29 13.00
CA GLN A 109 5.58 -5.63 11.60
C GLN A 109 6.68 -4.69 11.11
N LEU A 110 7.81 -5.27 10.70
CA LEU A 110 9.01 -4.51 10.31
C LEU A 110 9.12 -4.51 8.78
N TRP A 111 8.58 -3.46 8.16
CA TRP A 111 8.61 -3.37 6.71
C TRP A 111 10.02 -3.06 6.23
N ASP A 112 10.44 -3.77 5.19
CA ASP A 112 11.84 -3.81 4.76
C ASP A 112 11.89 -3.51 3.26
N THR A 113 11.94 -2.23 2.88
CA THR A 113 11.86 -1.88 1.47
C THR A 113 13.19 -2.09 0.77
N ALA A 114 13.12 -2.39 -0.53
CA ALA A 114 14.33 -2.41 -1.32
C ALA A 114 14.79 -0.98 -1.54
N GLY A 115 16.03 -0.83 -2.00
CA GLY A 115 16.57 0.51 -2.14
C GLY A 115 16.79 0.91 -3.59
N LEU A 116 16.78 -0.07 -4.48
CA LEU A 116 16.98 0.19 -5.89
C LEU A 116 15.84 1.07 -6.41
N GLU A 117 16.20 2.14 -7.13
CA GLU A 117 15.20 3.06 -7.65
C GLU A 117 14.15 2.35 -8.50
N ARG A 118 14.47 1.15 -9.00
CA ARG A 118 13.56 0.42 -9.88
C ARG A 118 12.43 -0.27 -9.12
N PHE A 119 12.43 -0.19 -7.80
CA PHE A 119 11.28 -0.56 -6.97
C PHE A 119 10.66 0.64 -6.27
N ARG A 120 11.08 1.86 -6.63
CA ARG A 120 10.79 3.00 -5.75
C ARG A 120 9.30 3.26 -5.63
N SER A 121 8.56 3.09 -6.72
CA SER A 121 7.10 3.18 -6.65
C SER A 121 6.55 2.18 -5.63
N LEU A 122 6.90 0.90 -5.81
CA LEU A 122 6.41 -0.14 -4.92
C LEU A 122 6.75 0.15 -3.47
N THR A 123 7.99 0.54 -3.18
CA THR A 123 8.30 0.78 -1.78
C THR A 123 7.60 2.03 -1.26
N THR A 124 7.41 3.06 -2.12
CA THR A 124 6.71 4.27 -1.68
C THR A 124 5.26 3.99 -1.41
N ALA A 125 4.67 3.00 -2.09
CA ALA A 125 3.29 2.61 -1.85
C ALA A 125 3.06 2.08 -0.44
N PHE A 126 4.11 1.87 0.35
CA PHE A 126 3.97 1.29 1.67
C PHE A 126 4.22 2.27 2.81
N PHE A 127 4.76 3.45 2.51
CA PHE A 127 4.83 4.52 3.51
C PHE A 127 3.47 4.78 4.13
N ARG A 128 2.40 4.46 3.41
CA ARG A 128 1.06 4.47 3.97
C ARG A 128 0.96 3.58 5.19
N ASP A 129 1.26 2.30 5.02
CA ASP A 129 1.13 1.25 6.03
C ASP A 129 2.04 1.44 7.24
N ALA A 130 2.88 2.47 7.26
CA ALA A 130 3.88 2.64 8.29
C ALA A 130 3.40 3.62 9.36
N MET A 131 3.85 3.38 10.59
CA MET A 131 3.65 4.31 11.68
C MET A 131 4.91 5.06 12.03
N GLY A 132 6.05 4.58 11.57
CA GLY A 132 7.33 5.22 11.81
C GLY A 132 8.31 4.69 10.80
N PHE A 133 9.45 5.35 10.73
CA PHE A 133 10.45 5.02 9.73
C PHE A 133 11.81 4.96 10.40
N LEU A 134 12.56 3.95 10.01
CA LEU A 134 13.97 3.84 10.29
C LEU A 134 14.63 4.26 8.99
N LEU A 135 15.09 5.52 8.92
CA LEU A 135 15.81 6.00 7.75
C LEU A 135 17.27 5.64 7.94
N LEU A 136 17.82 4.91 6.99
CA LEU A 136 19.18 4.39 7.09
C LEU A 136 20.08 4.96 6.00
N PHE A 137 21.36 5.05 6.33
CA PHE A 137 22.45 5.27 5.39
C PHE A 137 23.69 4.52 5.86
N ASP A 138 24.75 4.57 5.05
CA ASP A 138 25.97 3.82 5.24
C ASP A 138 27.08 4.73 5.76
N LEU A 139 27.57 4.45 6.97
CA LEU A 139 28.73 5.17 7.49
C LEU A 139 29.95 5.03 6.60
N THR A 140 29.99 4.01 5.75
CA THR A 140 31.09 3.79 4.82
C THR A 140 30.79 4.26 3.40
N ASN A 141 29.61 4.87 3.17
CA ASN A 141 29.21 5.37 1.86
C ASN A 141 28.75 6.82 1.99
N GLU A 142 29.52 7.75 1.43
CA GLU A 142 29.20 9.17 1.52
C GLU A 142 27.90 9.49 0.77
N GLN A 143 27.77 8.95 -0.45
CA GLN A 143 26.63 9.26 -1.29
C GLN A 143 25.32 8.92 -0.58
N SER A 144 25.23 7.72 0.02
CA SER A 144 24.02 7.36 0.75
C SER A 144 23.73 8.29 1.91
N PHE A 145 24.74 9.01 2.39
CA PHE A 145 24.49 9.97 3.44
C PHE A 145 23.74 11.17 2.89
N LEU A 146 24.23 11.70 1.76
CA LEU A 146 23.63 12.87 1.17
C LEU A 146 22.24 12.57 0.65
N ASN A 147 22.01 11.33 0.17
CA ASN A 147 20.69 10.99 -0.35
C ASN A 147 19.62 11.06 0.74
N VAL A 148 20.01 10.96 2.01
CA VAL A 148 19.05 10.98 3.10
C VAL A 148 18.11 12.18 2.96
N ARG A 149 18.69 13.35 2.68
CA ARG A 149 17.92 14.56 2.42
C ARG A 149 16.72 14.27 1.54
N ASN A 150 16.96 13.63 0.40
CA ASN A 150 15.90 13.28 -0.54
C ASN A 150 14.93 12.27 0.09
N TRP A 151 15.47 11.26 0.79
CA TRP A 151 14.63 10.24 1.43
C TRP A 151 13.67 10.83 2.47
N ILE A 152 14.10 11.88 3.16
CA ILE A 152 13.20 12.51 4.14
C ILE A 152 12.04 13.18 3.43
N SER A 153 12.32 14.03 2.44
CA SER A 153 11.26 14.71 1.71
C SER A 153 10.31 13.70 1.05
N GLN A 154 10.83 12.55 0.63
CA GLN A 154 9.95 11.48 0.16
C GLN A 154 9.03 11.00 1.27
N LEU A 155 9.55 10.91 2.48
CA LEU A 155 8.68 10.57 3.60
C LEU A 155 7.72 11.70 3.91
N GLN A 156 8.14 12.94 3.65
CA GLN A 156 7.21 14.06 3.80
C GLN A 156 6.05 13.97 2.80
N MET A 157 6.37 13.72 1.53
CA MET A 157 5.32 13.68 0.51
C MET A 157 4.39 12.47 0.63
N HIS A 158 4.78 11.41 1.34
CA HIS A 158 4.03 10.16 1.23
C HIS A 158 3.52 9.56 2.53
N ALA A 159 3.99 9.99 3.70
CA ALA A 159 3.45 9.44 4.93
C ALA A 159 2.06 10.02 5.18
N TYR A 160 1.11 9.16 5.56
CA TYR A 160 -0.22 9.60 5.91
C TYR A 160 -0.21 10.58 7.06
N CYS A 161 0.27 10.36 8.39
CA CYS A 161 0.70 11.25 9.45
C CYS A 161 1.23 12.51 8.76
N GLU A 162 1.06 13.86 9.22
CA GLU A 162 2.47 14.09 8.89
C GLU A 162 3.28 14.57 10.09
N ASN A 163 4.51 15.00 9.81
CA ASN A 163 5.63 14.97 10.73
C ASN A 163 5.80 13.52 11.18
N PRO A 164 5.97 12.57 10.25
CA PRO A 164 6.10 11.18 10.65
C PRO A 164 7.35 11.00 11.48
N ASP A 165 7.22 10.26 12.59
CA ASP A 165 8.38 9.98 13.41
C ASP A 165 9.41 9.20 12.61
N ILE A 166 10.62 9.74 12.51
CA ILE A 166 11.71 9.09 11.82
C ILE A 166 12.87 8.92 12.80
N VAL A 167 13.55 7.79 12.70
CA VAL A 167 14.79 7.54 13.45
C VAL A 167 15.90 7.34 12.42
N LEU A 168 16.91 8.20 12.50
CA LEU A 168 18.02 8.23 11.56
C LEU A 168 19.13 7.32 12.09
N CYS A 169 19.54 6.34 11.28
CA CYS A 169 20.58 5.39 11.66
C CYS A 169 21.76 5.42 10.69
N GLY A 170 22.95 5.65 11.25
CA GLY A 170 24.20 5.44 10.55
C GLY A 170 24.63 3.99 10.72
N ASN A 171 24.17 3.14 9.83
CA ASN A 171 24.48 1.72 9.90
C ASN A 171 25.94 1.50 9.56
N LYS A 172 26.43 0.30 9.88
CA LYS A 172 27.75 -0.21 9.56
C LYS A 172 28.85 0.38 10.47
N SER A 173 28.49 0.74 11.72
CA SER A 173 29.47 1.32 12.63
C SER A 173 30.57 0.34 13.04
N ASP A 174 30.46 -0.94 12.69
CA ASP A 174 31.54 -1.88 12.98
C ASP A 174 32.76 -1.68 12.10
N LEU A 175 32.66 -0.89 11.02
CA LEU A 175 33.77 -0.71 10.08
C LEU A 175 34.43 0.65 10.21
N GLU A 176 34.96 0.96 11.40
CA GLU A 176 35.60 2.24 11.65
C GLU A 176 36.73 2.54 10.67
N ASP A 177 37.31 1.51 10.04
CA ASP A 177 38.37 1.78 9.06
C ASP A 177 37.78 2.29 7.76
N GLN A 178 36.72 1.64 7.27
CA GLN A 178 36.08 2.02 6.01
C GLN A 178 35.20 3.27 6.16
N ARG A 179 35.00 3.76 7.38
CA ARG A 179 34.08 4.88 7.61
C ARG A 179 34.53 6.14 6.89
N VAL A 180 33.55 6.89 6.39
CA VAL A 180 33.78 8.17 5.69
C VAL A 180 32.90 9.29 6.21
N VAL A 181 31.76 9.02 6.85
CA VAL A 181 30.81 10.05 7.24
C VAL A 181 31.17 10.57 8.63
N LYS A 182 31.56 11.84 8.72
CA LYS A 182 31.84 12.45 10.01
C LYS A 182 30.63 12.33 10.91
N GLU A 183 30.87 11.91 12.15
CA GLU A 183 29.80 11.87 13.13
C GLU A 183 29.14 13.23 13.28
N GLU A 184 29.95 14.30 13.20
CA GLU A 184 29.46 15.66 13.43
C GLU A 184 28.39 16.05 12.43
N GLU A 185 28.69 15.88 11.14
CA GLU A 185 27.73 16.24 10.11
C GLU A 185 26.43 15.47 10.26
N ALA A 186 26.45 14.31 10.90
CA ALA A 186 25.24 13.50 10.99
C ALA A 186 24.34 13.91 12.15
N ILE A 187 24.91 14.24 13.31
CA ILE A 187 24.06 14.73 14.41
C ILE A 187 23.42 16.07 14.03
N ALA A 188 24.15 16.92 13.30
CA ALA A 188 23.63 18.21 12.86
C ALA A 188 22.33 17.99 12.11
N LEU A 189 22.43 17.29 10.96
CA LEU A 189 21.25 16.94 10.19
C LEU A 189 20.10 16.48 11.07
N ALA A 190 20.39 15.62 12.03
CA ALA A 190 19.37 15.07 12.92
C ALA A 190 18.57 16.17 13.60
N GLU A 191 19.24 17.05 14.35
CA GLU A 191 18.47 18.04 15.10
C GLU A 191 17.99 19.19 14.23
N LYS A 192 18.51 19.30 12.99
CA LYS A 192 17.88 20.18 12.00
C LYS A 192 16.49 19.68 11.64
N TYR A 193 16.32 18.35 11.58
CA TYR A 193 15.02 17.74 11.37
C TYR A 193 14.37 17.30 12.67
N GLY A 194 15.07 17.46 13.80
CA GLY A 194 14.51 17.04 15.07
C GLY A 194 14.27 15.56 15.18
N ILE A 195 15.09 14.75 14.54
CA ILE A 195 14.94 13.30 14.50
C ILE A 195 16.08 12.66 15.29
N PRO A 196 15.78 11.71 16.17
CA PRO A 196 16.82 10.95 16.87
C PRO A 196 17.93 10.42 15.97
N TYR A 197 19.12 10.25 16.52
CA TYR A 197 20.24 9.74 15.75
C TYR A 197 20.97 8.65 16.51
N PHE A 198 21.42 7.65 15.76
CA PHE A 198 21.99 6.43 16.30
C PHE A 198 23.01 5.90 15.32
N GLU A 199 24.22 5.64 15.79
CA GLU A 199 25.24 5.00 14.96
C GLU A 199 25.14 3.50 15.21
N THR A 200 24.41 2.81 14.34
CA THR A 200 24.12 1.39 14.51
C THR A 200 25.15 0.52 13.79
N SER A 201 25.07 -0.79 14.03
CA SER A 201 25.82 -1.76 13.23
C SER A 201 25.01 -3.06 13.24
N ALA A 202 24.42 -3.40 12.10
CA ALA A 202 23.75 -4.70 12.00
C ALA A 202 24.72 -5.86 12.08
N ALA A 203 26.03 -5.61 12.21
CA ALA A 203 26.97 -6.71 12.30
C ALA A 203 27.08 -7.21 13.74
N ASN A 204 27.44 -6.32 14.68
CA ASN A 204 27.58 -6.70 16.08
C ASN A 204 26.37 -6.31 16.91
N GLY A 205 25.34 -5.76 16.29
CA GLY A 205 24.11 -5.44 16.98
C GLY A 205 24.10 -4.16 17.77
N THR A 206 25.23 -3.43 17.85
CA THR A 206 25.27 -2.17 18.57
C THR A 206 24.13 -1.26 18.12
N ASN A 207 23.39 -0.72 19.09
CA ASN A 207 22.38 0.31 18.85
C ASN A 207 21.18 -0.17 18.03
N ILE A 208 21.24 -1.38 17.48
CA ILE A 208 20.11 -1.91 16.70
C ILE A 208 18.85 -1.98 17.56
N SER A 209 18.98 -2.49 18.78
CA SER A 209 17.83 -2.52 19.69
C SER A 209 17.47 -1.13 20.17
N GLN A 210 18.45 -0.27 20.44
CA GLN A 210 18.18 1.00 21.10
C GLN A 210 17.45 1.99 20.19
N ALA A 211 17.78 1.99 18.88
CA ALA A 211 17.11 2.89 17.95
C ALA A 211 15.67 2.44 17.69
N ILE A 212 15.48 1.15 17.45
CA ILE A 212 14.13 0.65 17.24
C ILE A 212 13.24 0.93 18.46
N GLU A 213 13.77 0.73 19.67
CA GLU A 213 12.96 0.98 20.86
C GLU A 213 12.60 2.46 20.99
N MET A 214 13.42 3.34 20.40
CA MET A 214 13.07 4.77 20.40
C MET A 214 11.94 5.05 19.41
N LEU A 215 12.02 4.47 18.21
CA LEU A 215 10.90 4.57 17.30
C LEU A 215 9.60 4.15 17.98
N LEU A 216 9.56 2.89 18.44
CA LEU A 216 8.41 2.38 19.18
C LEU A 216 8.02 3.29 20.35
N ASP A 217 8.99 4.00 20.92
CA ASP A 217 8.68 4.94 22.01
C ASP A 217 8.00 6.20 21.46
N LEU A 218 8.54 6.77 20.37
CA LEU A 218 7.86 7.89 19.71
C LEU A 218 6.46 7.50 19.25
N ILE A 219 6.28 6.26 18.81
CA ILE A 219 5.00 5.83 18.28
C ILE A 219 3.99 5.57 19.40
N MET A 220 4.29 4.63 20.30
CA MET A 220 3.35 4.31 21.37
C MET A 220 3.06 5.52 22.24
N LYS A 221 3.94 6.53 22.25
CA LYS A 221 3.66 7.80 22.90
C LYS A 221 2.95 8.78 21.98
N ARG A 222 2.47 8.32 20.82
CA ARG A 222 1.68 9.11 19.87
C ARG A 222 0.29 8.54 19.63
N MET A 223 0.13 7.22 19.62
CA MET A 223 -1.16 6.65 19.95
C MET A 223 -1.62 7.11 21.33
N GLU A 224 -0.67 7.44 22.22
CA GLU A 224 -0.89 8.11 23.50
C GLU A 224 -1.91 9.22 23.39
N ARG A 225 -1.50 10.31 22.77
CA ARG A 225 -2.36 11.48 22.66
C ARG A 225 -2.98 11.61 21.27
N SER A 226 -3.59 10.51 20.84
CA SER A 226 -4.37 10.40 19.61
C SER A 226 -5.76 11.04 19.75
N SER B 4 16.81 0.91 -15.17
CA SER B 4 15.76 1.46 -15.99
C SER B 4 14.69 0.41 -16.32
N PHE B 5 14.52 0.09 -17.62
CA PHE B 5 13.39 -0.68 -18.16
C PHE B 5 12.13 -0.38 -17.36
N LEU B 6 11.69 0.87 -17.46
CA LEU B 6 10.59 1.48 -16.73
C LEU B 6 10.80 2.97 -16.89
N THR B 7 10.06 3.58 -17.81
CA THR B 7 10.24 4.99 -18.11
C THR B 7 10.23 5.81 -16.83
N GLU B 8 11.08 6.85 -16.78
CA GLU B 8 10.96 7.81 -15.70
C GLU B 8 9.64 8.57 -15.81
N GLU B 9 9.19 8.84 -17.04
CA GLU B 9 7.84 9.37 -17.23
C GLU B 9 6.79 8.39 -16.77
N GLU B 10 7.06 7.08 -16.85
CA GLU B 10 6.13 6.11 -16.31
C GLU B 10 6.13 6.11 -14.78
N GLN B 11 7.31 6.24 -14.17
CA GLN B 11 7.39 6.07 -12.72
C GLN B 11 6.89 7.31 -11.99
N GLU B 12 7.28 8.50 -12.43
CA GLU B 12 6.90 9.68 -11.66
C GLU B 12 5.39 9.95 -11.76
N ALA B 13 4.74 9.46 -12.80
CA ALA B 13 3.28 9.44 -12.83
C ALA B 13 2.71 8.64 -11.66
N ILE B 14 3.25 7.44 -11.41
CA ILE B 14 2.81 6.63 -10.28
C ILE B 14 3.11 7.33 -8.96
N MET B 15 4.30 7.94 -8.86
CA MET B 15 4.60 8.70 -7.65
C MET B 15 3.70 9.91 -7.52
N LYS B 16 3.26 10.46 -8.67
CA LYS B 16 2.23 11.50 -8.62
C LYS B 16 0.93 10.95 -8.03
N VAL B 17 0.48 9.80 -8.53
CA VAL B 17 -0.66 9.09 -7.95
C VAL B 17 -0.43 8.82 -6.47
N LEU B 18 0.79 8.41 -6.12
CA LEU B 18 1.12 8.13 -4.73
C LEU B 18 1.12 9.40 -3.88
N GLN B 19 1.66 10.50 -4.42
CA GLN B 19 1.68 11.75 -3.66
C GLN B 19 0.26 12.30 -3.45
N ARG B 20 -0.58 12.25 -4.49
CA ARG B 20 -1.96 12.72 -4.35
C ARG B 20 -2.66 12.01 -3.20
N ASP B 21 -2.55 10.67 -3.17
CA ASP B 21 -3.22 9.87 -2.14
C ASP B 21 -2.73 10.20 -0.74
N ALA B 22 -1.45 10.52 -0.59
CA ALA B 22 -0.95 10.87 0.74
C ALA B 22 -1.60 12.17 1.21
N ALA B 23 -1.53 13.21 0.37
CA ALA B 23 -2.19 14.47 0.71
C ALA B 23 -3.66 14.26 1.06
N LEU B 24 -4.40 13.56 0.19
CA LEU B 24 -5.82 13.29 0.44
C LEU B 24 -6.04 12.74 1.84
N LYS B 25 -5.22 11.77 2.25
CA LYS B 25 -5.40 11.14 3.57
C LYS B 25 -5.00 12.09 4.69
N ARG B 26 -3.84 12.74 4.56
CA ARG B 26 -3.43 13.73 5.55
C ARG B 26 -4.49 14.82 5.72
N ALA B 27 -5.24 15.14 4.65
CA ALA B 27 -6.32 16.10 4.79
C ALA B 27 -7.48 15.52 5.61
N GLU B 28 -8.01 14.37 5.17
CA GLU B 28 -9.20 13.81 5.80
C GLU B 28 -8.94 13.24 7.21
N GLU B 29 -7.75 13.37 7.80
CA GLU B 29 -7.54 13.11 9.22
C GLU B 29 -6.93 14.33 9.92
N GLU B 30 -7.01 15.49 9.27
CA GLU B 30 -6.60 16.77 9.84
C GLU B 30 -7.84 17.57 10.28
N TYR B 44 -15.76 17.14 4.70
CA TYR B 44 -16.84 16.17 4.74
C TYR B 44 -16.65 15.18 5.89
N ASP B 45 -17.65 14.34 6.10
CA ASP B 45 -17.65 13.43 7.26
C ASP B 45 -16.82 12.19 6.96
N TYR B 46 -17.39 11.23 6.24
CA TYR B 46 -16.69 9.99 5.93
C TYR B 46 -15.80 10.15 4.70
N LEU B 47 -14.82 9.26 4.61
CA LEU B 47 -14.03 9.05 3.39
C LEU B 47 -14.08 7.56 3.10
N ILE B 48 -14.58 7.19 1.92
CA ILE B 48 -14.80 5.79 1.58
C ILE B 48 -13.95 5.46 0.35
N LYS B 49 -13.36 4.25 0.36
CA LYS B 49 -12.33 3.88 -0.59
C LYS B 49 -12.78 2.69 -1.43
N PHE B 50 -13.06 2.93 -2.69
CA PHE B 50 -13.37 1.87 -3.63
C PHE B 50 -12.13 1.58 -4.47
N LEU B 51 -12.08 0.36 -4.98
CA LEU B 51 -11.00 -0.04 -5.89
C LEU B 51 -11.64 -0.85 -6.99
N ALA B 52 -11.19 -0.63 -8.22
CA ALA B 52 -11.75 -1.33 -9.36
C ALA B 52 -10.69 -2.26 -9.95
N LEU B 53 -11.12 -3.47 -10.28
CA LEU B 53 -10.19 -4.46 -10.79
C LEU B 53 -10.87 -5.33 -11.84
N GLY B 54 -10.05 -5.99 -12.63
CA GLY B 54 -10.47 -6.70 -13.82
C GLY B 54 -9.30 -6.80 -14.76
N ASP B 55 -9.47 -7.64 -15.78
CA ASP B 55 -8.45 -7.74 -16.83
C ASP B 55 -8.25 -6.37 -17.46
N SER B 56 -7.02 -6.09 -17.86
CA SER B 56 -6.77 -4.87 -18.62
C SER B 56 -7.69 -4.80 -19.82
N GLY B 57 -8.33 -3.63 -19.99
CA GLY B 57 -9.20 -3.36 -21.12
C GLY B 57 -10.68 -3.61 -20.90
N VAL B 58 -11.09 -4.08 -19.73
CA VAL B 58 -12.51 -4.37 -19.50
C VAL B 58 -13.25 -3.08 -19.17
N GLY B 59 -12.54 -1.96 -19.15
CA GLY B 59 -13.13 -0.67 -18.94
C GLY B 59 -13.15 -0.17 -17.51
N LYS B 60 -12.15 -0.52 -16.70
CA LYS B 60 -12.12 -0.01 -15.34
C LYS B 60 -12.00 1.51 -15.33
N THR B 61 -11.07 2.06 -16.10
CA THR B 61 -10.93 3.50 -16.17
C THR B 61 -12.15 4.14 -16.82
N SER B 62 -12.55 3.60 -17.98
CA SER B 62 -13.72 4.12 -18.68
C SER B 62 -14.95 4.15 -17.81
N VAL B 63 -15.05 3.26 -16.82
CA VAL B 63 -16.20 3.27 -15.92
C VAL B 63 -16.11 4.41 -14.91
N LEU B 64 -15.01 4.48 -14.18
CA LEU B 64 -14.86 5.51 -13.16
C LEU B 64 -14.93 6.92 -13.76
N TYR B 65 -14.39 7.08 -14.98
CA TYR B 65 -14.50 8.35 -15.68
C TYR B 65 -15.95 8.65 -15.98
N GLN B 66 -16.64 7.69 -16.61
CA GLN B 66 -18.07 7.80 -16.87
C GLN B 66 -18.87 8.06 -15.60
N TYR B 67 -18.49 7.46 -14.47
CA TYR B 67 -19.27 7.65 -13.25
C TYR B 67 -19.02 9.03 -12.63
N THR B 68 -17.77 9.49 -12.63
CA THR B 68 -17.41 10.73 -11.94
C THR B 68 -17.56 11.97 -12.82
N ASP B 69 -17.42 11.85 -14.14
CA ASP B 69 -17.48 12.98 -15.04
C ASP B 69 -18.54 12.88 -16.14
N GLY B 70 -19.27 11.76 -16.21
CA GLY B 70 -20.20 11.53 -17.30
C GLY B 70 -19.60 11.65 -18.68
N LYS B 71 -18.29 11.46 -18.81
CA LYS B 71 -17.63 11.51 -20.11
C LYS B 71 -17.07 10.13 -20.40
N PHE B 72 -16.83 9.85 -21.68
CA PHE B 72 -16.27 8.58 -22.14
C PHE B 72 -15.33 8.84 -23.30
N ASN B 73 -14.16 8.18 -23.29
CA ASN B 73 -13.21 8.27 -24.38
C ASN B 73 -13.12 6.92 -25.07
N SER B 74 -13.45 6.87 -26.35
CA SER B 74 -13.34 5.64 -27.11
C SER B 74 -11.90 5.11 -27.24
N LYS B 75 -10.87 5.95 -27.15
CA LYS B 75 -9.51 5.55 -27.50
C LYS B 75 -8.83 4.88 -26.32
N PHE B 76 -8.31 3.68 -26.55
CA PHE B 76 -7.77 2.89 -25.47
C PHE B 76 -6.44 3.45 -25.00
N ILE B 77 -6.38 3.83 -23.73
CA ILE B 77 -5.17 4.34 -23.07
C ILE B 77 -4.99 3.53 -21.79
N THR B 78 -4.13 2.52 -21.84
CA THR B 78 -4.00 1.62 -20.70
C THR B 78 -3.51 2.36 -19.46
N THR B 79 -4.07 2.00 -18.30
CA THR B 79 -3.75 2.69 -17.05
C THR B 79 -2.36 2.27 -16.57
N VAL B 80 -1.46 3.22 -16.43
CA VAL B 80 -0.08 2.92 -16.07
C VAL B 80 -0.01 2.74 -14.57
N GLY B 81 -0.07 1.49 -14.12
CA GLY B 81 0.08 1.13 -12.73
C GLY B 81 -1.19 1.28 -11.91
N ILE B 82 -1.48 2.52 -11.52
CA ILE B 82 -2.56 2.78 -10.59
C ILE B 82 -2.95 4.25 -10.73
N ASP B 83 -4.26 4.50 -10.71
CA ASP B 83 -4.75 5.86 -10.57
C ASP B 83 -6.01 5.83 -9.73
N PHE B 84 -6.43 7.00 -9.26
CA PHE B 84 -7.71 7.08 -8.59
C PHE B 84 -8.45 8.34 -9.02
N ARG B 85 -9.77 8.27 -8.99
CA ARG B 85 -10.65 9.43 -9.15
C ARG B 85 -11.32 9.74 -7.83
N GLU B 86 -11.81 10.96 -7.69
CA GLU B 86 -12.56 11.37 -6.50
C GLU B 86 -13.95 11.83 -6.92
N LYS B 87 -14.82 11.99 -5.92
CA LYS B 87 -16.19 12.40 -6.15
C LYS B 87 -16.90 12.62 -4.81
N ARG B 88 -17.56 13.76 -4.65
CA ARG B 88 -18.36 14.03 -3.47
C ARG B 88 -19.77 13.47 -3.68
N VAL B 89 -20.26 12.68 -2.73
CA VAL B 89 -21.57 12.03 -2.84
C VAL B 89 -22.30 12.15 -1.51
N VAL B 90 -23.63 12.30 -1.58
CA VAL B 90 -24.51 12.28 -0.42
C VAL B 90 -25.18 10.92 -0.35
N TYR B 91 -25.10 10.25 0.81
CA TYR B 91 -25.60 8.88 0.94
C TYR B 91 -26.97 8.84 1.62
N ARG B 92 -27.80 7.87 1.21
CA ARG B 92 -29.14 7.70 1.75
C ARG B 92 -29.53 6.23 1.68
N ALA B 93 -30.12 5.71 2.77
CA ALA B 93 -30.73 4.39 2.74
C ALA B 93 -32.19 4.46 3.22
N GLY B 101 -34.44 9.90 5.47
CA GLY B 101 -34.00 9.70 6.84
C GLY B 101 -32.97 10.70 7.37
N ARG B 102 -31.90 10.94 6.59
CA ARG B 102 -30.80 11.82 6.96
C ARG B 102 -29.76 11.86 5.85
N GLY B 103 -29.06 12.98 5.69
CA GLY B 103 -28.02 13.11 4.69
C GLY B 103 -26.61 12.97 5.27
N GLN B 104 -25.91 11.95 4.82
CA GLN B 104 -24.51 11.72 5.22
C GLN B 104 -23.60 12.04 4.03
N ARG B 105 -22.65 12.95 4.23
CA ARG B 105 -21.79 13.42 3.14
C ARG B 105 -20.52 12.57 3.06
N ILE B 106 -20.09 12.29 1.83
CA ILE B 106 -19.02 11.33 1.58
C ILE B 106 -18.06 11.84 0.52
N HIS B 107 -16.77 11.67 0.76
CA HIS B 107 -15.75 11.80 -0.26
C HIS B 107 -15.38 10.40 -0.73
N LEU B 108 -15.38 10.18 -2.03
CA LEU B 108 -15.10 8.86 -2.58
C LEU B 108 -13.73 8.83 -3.21
N GLN B 109 -12.99 7.76 -2.91
CA GLN B 109 -11.68 7.48 -3.51
C GLN B 109 -11.84 6.21 -4.34
N LEU B 110 -11.88 6.35 -5.67
CA LEU B 110 -12.13 5.20 -6.54
C LEU B 110 -10.80 4.79 -7.18
N TRP B 111 -10.14 3.81 -6.56
CA TRP B 111 -8.86 3.31 -7.04
C TRP B 111 -9.03 2.58 -8.36
N ASP B 112 -8.27 3.00 -9.37
CA ASP B 112 -8.33 2.42 -10.72
C ASP B 112 -7.05 1.64 -10.98
N THR B 113 -7.09 0.32 -10.80
CA THR B 113 -5.87 -0.48 -10.96
C THR B 113 -5.63 -0.83 -12.41
N ALA B 114 -4.35 -0.86 -12.79
CA ALA B 114 -3.97 -1.39 -14.09
C ALA B 114 -4.32 -2.86 -14.17
N GLY B 115 -4.79 -3.29 -15.33
CA GLY B 115 -5.21 -4.67 -15.44
C GLY B 115 -4.15 -5.58 -15.98
N LEU B 116 -2.97 -5.04 -16.25
CA LEU B 116 -1.90 -5.79 -16.89
C LEU B 116 -1.09 -6.62 -15.89
N GLU B 117 -0.31 -7.55 -16.45
CA GLU B 117 0.60 -8.37 -15.65
C GLU B 117 1.79 -7.54 -15.16
N ARG B 118 2.36 -6.67 -16.01
CA ARG B 118 3.52 -5.88 -15.63
C ARG B 118 3.29 -5.13 -14.32
N PHE B 119 2.05 -4.70 -14.07
CA PHE B 119 1.68 -3.90 -12.91
C PHE B 119 0.95 -4.73 -11.87
N ARG B 120 0.96 -6.07 -12.03
CA ARG B 120 0.08 -6.89 -11.20
C ARG B 120 0.44 -6.77 -9.72
N SER B 121 1.72 -6.56 -9.41
CA SER B 121 2.14 -6.46 -8.03
C SER B 121 1.75 -5.10 -7.43
N LEU B 122 1.97 -4.02 -8.19
CA LEU B 122 1.57 -2.69 -7.73
C LEU B 122 0.05 -2.59 -7.53
N THR B 123 -0.74 -3.16 -8.44
CA THR B 123 -2.18 -3.08 -8.25
C THR B 123 -2.60 -3.91 -7.05
N THR B 124 -2.26 -5.21 -7.05
CA THR B 124 -2.47 -6.10 -5.91
C THR B 124 -2.08 -5.47 -4.57
N ALA B 125 -1.12 -4.55 -4.59
CA ALA B 125 -0.71 -3.90 -3.34
C ALA B 125 -1.84 -3.07 -2.75
N PHE B 126 -2.54 -2.31 -3.60
CA PHE B 126 -3.58 -1.42 -3.11
C PHE B 126 -4.89 -2.13 -2.85
N PHE B 127 -4.97 -3.44 -3.12
CA PHE B 127 -6.11 -4.22 -2.67
C PHE B 127 -6.36 -4.07 -1.18
N ARG B 128 -5.35 -3.67 -0.41
CA ARG B 128 -5.48 -3.62 1.04
C ARG B 128 -5.95 -2.27 1.54
N ASP B 129 -6.16 -1.29 0.66
CA ASP B 129 -6.64 0.04 1.04
C ASP B 129 -8.11 0.24 0.69
N ALA B 130 -8.73 -0.70 0.00
CA ALA B 130 -10.11 -0.54 -0.41
C ALA B 130 -11.07 -1.18 0.58
N MET B 131 -12.22 -0.54 0.77
CA MET B 131 -13.32 -1.11 1.55
C MET B 131 -14.26 -1.96 0.72
N GLY B 132 -14.37 -1.66 -0.56
CA GLY B 132 -15.18 -2.46 -1.46
C GLY B 132 -14.57 -2.42 -2.84
N PHE B 133 -14.81 -3.49 -3.59
CA PHE B 133 -14.17 -3.68 -4.89
C PHE B 133 -15.22 -3.79 -5.97
N LEU B 134 -14.98 -3.12 -7.09
CA LEU B 134 -15.80 -3.30 -8.28
C LEU B 134 -15.01 -4.18 -9.23
N LEU B 135 -15.50 -5.39 -9.46
CA LEU B 135 -14.77 -6.36 -10.27
C LEU B 135 -15.39 -6.42 -11.65
N LEU B 136 -14.62 -6.04 -12.65
CA LEU B 136 -15.13 -5.88 -14.01
C LEU B 136 -14.68 -7.01 -14.91
N PHE B 137 -15.62 -7.49 -15.72
CA PHE B 137 -15.30 -8.22 -16.93
C PHE B 137 -15.99 -7.51 -18.09
N ASP B 138 -15.41 -7.65 -19.28
CA ASP B 138 -16.00 -7.17 -20.53
C ASP B 138 -17.01 -8.22 -21.02
N LEU B 139 -18.26 -7.82 -21.21
CA LEU B 139 -19.29 -8.75 -21.69
C LEU B 139 -18.95 -9.36 -23.04
N THR B 140 -18.07 -8.72 -23.81
CA THR B 140 -17.73 -9.12 -25.17
C THR B 140 -16.51 -10.03 -25.26
N ASN B 141 -16.07 -10.57 -24.12
CA ASN B 141 -14.77 -11.23 -24.09
C ASN B 141 -14.86 -12.33 -23.06
N GLU B 142 -14.81 -13.59 -23.52
CA GLU B 142 -14.97 -14.71 -22.61
C GLU B 142 -13.99 -14.59 -21.45
N GLN B 143 -12.71 -14.40 -21.79
CA GLN B 143 -11.64 -14.42 -20.78
C GLN B 143 -11.94 -13.49 -19.61
N SER B 144 -12.42 -12.28 -19.90
CA SER B 144 -12.88 -11.35 -18.87
C SER B 144 -13.68 -12.10 -17.80
N PHE B 145 -14.73 -12.75 -18.26
CA PHE B 145 -15.58 -13.55 -17.39
C PHE B 145 -14.77 -14.69 -16.76
N LEU B 146 -14.04 -15.43 -17.58
CA LEU B 146 -13.34 -16.63 -17.12
C LEU B 146 -12.45 -16.30 -15.92
N ASN B 147 -11.57 -15.31 -16.10
CA ASN B 147 -10.67 -14.84 -15.06
C ASN B 147 -11.41 -14.18 -13.88
N VAL B 148 -12.73 -14.01 -13.94
CA VAL B 148 -13.40 -13.49 -12.75
C VAL B 148 -13.13 -14.40 -11.55
N ARG B 149 -13.19 -15.72 -11.76
CA ARG B 149 -12.95 -16.70 -10.70
C ARG B 149 -11.64 -16.39 -9.95
N ASN B 150 -10.52 -16.31 -10.68
CA ASN B 150 -9.23 -16.03 -10.04
C ASN B 150 -9.22 -14.68 -9.33
N TRP B 151 -9.64 -13.60 -10.02
CA TRP B 151 -9.61 -12.25 -9.46
C TRP B 151 -10.32 -12.20 -8.11
N ILE B 152 -11.41 -12.97 -7.97
CA ILE B 152 -12.16 -12.97 -6.72
C ILE B 152 -11.37 -13.62 -5.60
N SER B 153 -10.70 -14.73 -5.88
CA SER B 153 -9.96 -15.37 -4.82
C SER B 153 -8.64 -14.68 -4.57
N GLN B 154 -8.13 -13.93 -5.55
CA GLN B 154 -7.05 -13.00 -5.25
C GLN B 154 -7.54 -11.78 -4.51
N LEU B 155 -8.82 -11.45 -4.64
CA LEU B 155 -9.37 -10.37 -3.85
C LEU B 155 -9.35 -10.71 -2.37
N GLN B 156 -9.80 -11.92 -2.01
CA GLN B 156 -9.87 -12.33 -0.61
C GLN B 156 -8.58 -12.91 -0.08
N MET B 157 -7.64 -13.24 -0.96
CA MET B 157 -6.26 -13.49 -0.52
C MET B 157 -5.63 -12.23 0.04
N HIS B 158 -5.77 -11.09 -0.65
CA HIS B 158 -5.01 -9.88 -0.36
C HIS B 158 -5.83 -8.77 0.31
N ALA B 159 -6.92 -9.10 1.00
CA ALA B 159 -7.77 -8.08 1.61
C ALA B 159 -7.49 -7.96 3.10
N TYR B 160 -7.59 -6.74 3.61
CA TYR B 160 -7.34 -6.48 5.02
C TYR B 160 -8.61 -6.71 5.82
N CYS B 161 -9.72 -7.57 5.57
CA CYS B 161 -10.94 -7.95 6.27
C CYS B 161 -11.64 -9.03 5.45
N GLU B 162 -12.10 -10.22 6.11
CA GLU B 162 -11.94 -11.54 5.49
C GLU B 162 -13.01 -11.75 4.41
N ASN B 163 -14.15 -11.06 4.56
CA ASN B 163 -15.18 -11.10 3.54
C ASN B 163 -15.34 -9.69 2.97
N PRO B 164 -14.49 -9.30 2.02
CA PRO B 164 -14.62 -7.98 1.43
C PRO B 164 -15.78 -7.94 0.45
N ASP B 165 -16.39 -6.76 0.34
CA ASP B 165 -17.56 -6.62 -0.51
C ASP B 165 -17.16 -6.40 -1.96
N ILE B 166 -17.80 -7.15 -2.86
CA ILE B 166 -17.53 -7.11 -4.29
C ILE B 166 -18.85 -6.93 -5.02
N VAL B 167 -18.85 -6.07 -6.04
CA VAL B 167 -19.96 -5.95 -6.98
C VAL B 167 -19.46 -6.34 -8.37
N LEU B 168 -20.18 -7.25 -9.00
CA LEU B 168 -19.81 -7.76 -10.30
C LEU B 168 -20.41 -6.87 -11.38
N CYS B 169 -19.62 -6.59 -12.40
CA CYS B 169 -19.99 -5.64 -13.44
C CYS B 169 -19.71 -6.30 -14.78
N GLY B 170 -20.78 -6.70 -15.44
CA GLY B 170 -20.59 -7.09 -16.81
C GLY B 170 -20.53 -5.81 -17.59
N ASN B 171 -19.34 -5.34 -17.93
CA ASN B 171 -19.24 -4.05 -18.59
C ASN B 171 -19.37 -4.23 -20.10
N LYS B 172 -19.68 -3.10 -20.78
CA LYS B 172 -19.89 -2.96 -22.21
C LYS B 172 -21.22 -3.57 -22.64
N SER B 173 -22.25 -3.40 -21.81
CA SER B 173 -23.61 -3.80 -22.17
C SER B 173 -24.12 -3.05 -23.40
N ASP B 174 -23.50 -1.93 -23.76
CA ASP B 174 -23.90 -1.20 -24.95
C ASP B 174 -23.44 -1.87 -26.24
N LEU B 175 -22.70 -2.97 -26.15
CA LEU B 175 -22.30 -3.66 -27.37
C LEU B 175 -23.13 -4.91 -27.55
N GLU B 176 -24.47 -4.77 -27.42
CA GLU B 176 -25.37 -5.92 -27.47
C GLU B 176 -25.17 -6.68 -28.78
N ASP B 177 -24.49 -6.05 -29.73
CA ASP B 177 -24.16 -6.64 -31.01
C ASP B 177 -22.88 -7.47 -30.98
N GLN B 178 -22.17 -7.50 -29.85
CA GLN B 178 -20.95 -8.31 -29.73
C GLN B 178 -20.80 -8.97 -28.37
N ARG B 179 -21.81 -8.86 -27.50
CA ARG B 179 -21.81 -9.58 -26.24
C ARG B 179 -21.55 -11.07 -26.46
N VAL B 180 -20.98 -11.71 -25.43
CA VAL B 180 -20.55 -13.11 -25.48
C VAL B 180 -20.93 -13.86 -24.20
N VAL B 181 -20.87 -13.20 -23.05
CA VAL B 181 -21.25 -13.85 -21.79
C VAL B 181 -22.78 -13.93 -21.69
N LYS B 182 -23.29 -15.13 -21.49
CA LYS B 182 -24.70 -15.31 -21.15
C LYS B 182 -25.01 -14.61 -19.82
N GLU B 183 -26.15 -13.91 -19.76
CA GLU B 183 -26.51 -13.23 -18.52
C GLU B 183 -26.72 -14.21 -17.36
N GLU B 184 -27.51 -15.27 -17.58
CA GLU B 184 -27.71 -16.23 -16.50
C GLU B 184 -26.38 -16.88 -16.10
N GLU B 185 -25.57 -17.25 -17.10
CA GLU B 185 -24.23 -17.74 -16.80
C GLU B 185 -23.50 -16.81 -15.84
N ALA B 186 -23.66 -15.49 -16.00
CA ALA B 186 -23.00 -14.53 -15.13
C ALA B 186 -23.71 -14.36 -13.81
N ILE B 187 -25.05 -14.37 -13.79
CA ILE B 187 -25.76 -14.34 -12.51
C ILE B 187 -25.69 -15.68 -11.80
N ALA B 188 -25.49 -16.77 -12.54
CA ALA B 188 -25.20 -18.03 -11.87
C ALA B 188 -23.84 -17.96 -11.19
N LEU B 189 -22.83 -17.46 -11.91
CA LEU B 189 -21.55 -17.16 -11.27
C LEU B 189 -21.72 -16.12 -10.15
N ALA B 190 -22.63 -15.17 -10.34
CA ALA B 190 -22.84 -14.15 -9.32
C ALA B 190 -23.56 -14.74 -8.10
N GLU B 191 -24.58 -15.57 -8.33
CA GLU B 191 -25.33 -16.15 -7.21
C GLU B 191 -24.48 -17.12 -6.39
N LYS B 192 -23.57 -17.85 -7.04
CA LYS B 192 -22.67 -18.74 -6.33
C LYS B 192 -21.92 -17.98 -5.22
N TYR B 193 -21.17 -16.94 -5.58
CA TYR B 193 -20.33 -16.25 -4.60
C TYR B 193 -21.12 -15.30 -3.69
N GLY B 194 -22.43 -15.16 -3.87
CA GLY B 194 -23.21 -14.22 -3.07
C GLY B 194 -22.97 -12.76 -3.40
N ILE B 195 -22.75 -12.43 -4.67
CA ILE B 195 -22.36 -11.07 -5.05
C ILE B 195 -23.36 -10.47 -6.02
N PRO B 196 -23.68 -9.18 -5.86
CA PRO B 196 -24.56 -8.50 -6.83
C PRO B 196 -23.95 -8.41 -8.21
N TYR B 197 -24.81 -8.44 -9.22
CA TYR B 197 -24.37 -8.39 -10.61
C TYR B 197 -25.10 -7.29 -11.36
N PHE B 198 -24.34 -6.49 -12.10
CA PHE B 198 -24.84 -5.41 -12.94
C PHE B 198 -24.21 -5.53 -14.32
N GLU B 199 -25.01 -5.37 -15.36
CA GLU B 199 -24.48 -5.19 -16.70
C GLU B 199 -24.37 -3.69 -16.96
N THR B 200 -23.15 -3.19 -17.08
CA THR B 200 -22.90 -1.77 -17.26
C THR B 200 -22.48 -1.50 -18.69
N SER B 201 -22.50 -0.20 -19.03
CA SER B 201 -21.78 0.32 -20.19
C SER B 201 -21.12 1.63 -19.78
N ALA B 202 -19.80 1.66 -19.82
CA ALA B 202 -19.08 2.92 -19.68
C ALA B 202 -19.37 3.89 -20.81
N ALA B 203 -19.92 3.42 -21.94
CA ALA B 203 -20.21 4.31 -23.04
C ALA B 203 -21.37 5.25 -22.69
N ASN B 204 -22.45 4.71 -22.11
CA ASN B 204 -23.64 5.50 -21.84
C ASN B 204 -24.03 5.56 -20.37
N GLY B 205 -23.24 5.00 -19.46
CA GLY B 205 -23.52 5.11 -18.04
C GLY B 205 -24.54 4.12 -17.48
N THR B 206 -25.05 3.20 -18.32
CA THR B 206 -26.03 2.22 -17.86
C THR B 206 -25.57 1.56 -16.57
N ASN B 207 -26.37 1.72 -15.52
CA ASN B 207 -26.20 0.99 -14.25
C ASN B 207 -24.92 1.33 -13.52
N ILE B 208 -24.11 2.22 -14.08
CA ILE B 208 -22.82 2.53 -13.47
C ILE B 208 -23.01 3.19 -12.11
N SER B 209 -23.85 4.23 -12.03
CA SER B 209 -24.13 4.83 -10.74
C SER B 209 -24.81 3.82 -9.81
N GLN B 210 -25.73 3.03 -10.34
CA GLN B 210 -26.48 2.11 -9.49
C GLN B 210 -25.58 1.04 -8.92
N ALA B 211 -24.65 0.53 -9.74
CA ALA B 211 -23.72 -0.49 -9.28
C ALA B 211 -22.79 0.06 -8.21
N ILE B 212 -22.30 1.29 -8.39
CA ILE B 212 -21.37 1.85 -7.43
C ILE B 212 -22.06 2.16 -6.10
N GLU B 213 -23.21 2.85 -6.17
CA GLU B 213 -23.99 3.13 -4.97
C GLU B 213 -24.32 1.84 -4.22
N MET B 214 -24.56 0.78 -4.97
CA MET B 214 -24.85 -0.50 -4.33
C MET B 214 -23.66 -1.01 -3.57
N LEU B 215 -22.46 -0.85 -4.13
CA LEU B 215 -21.26 -1.14 -3.38
C LEU B 215 -21.17 -0.23 -2.14
N LEU B 216 -21.52 1.05 -2.28
CA LEU B 216 -21.49 1.92 -1.11
C LEU B 216 -22.54 1.50 -0.09
N ASP B 217 -23.72 1.09 -0.56
CA ASP B 217 -24.70 0.47 0.32
C ASP B 217 -24.03 -0.65 1.12
N LEU B 218 -23.58 -1.70 0.43
CA LEU B 218 -22.90 -2.84 1.06
C LEU B 218 -21.85 -2.39 2.10
N ILE B 219 -21.05 -1.38 1.75
CA ILE B 219 -19.97 -0.94 2.64
C ILE B 219 -20.54 -0.29 3.89
N MET B 220 -21.36 0.74 3.73
CA MET B 220 -21.86 1.44 4.90
C MET B 220 -22.86 0.63 5.72
N LYS B 221 -23.31 -0.53 5.23
CA LYS B 221 -24.04 -1.43 6.11
C LYS B 221 -23.10 -2.36 6.88
N ARG B 222 -21.84 -2.50 6.44
CA ARG B 222 -20.85 -3.29 7.17
C ARG B 222 -20.47 -2.65 8.49
N MET B 223 -20.66 -1.34 8.64
CA MET B 223 -20.67 -0.71 9.95
C MET B 223 -21.81 -1.30 10.77
N GLU B 224 -21.63 -2.54 11.22
CA GLU B 224 -22.68 -3.32 11.89
C GLU B 224 -22.39 -3.33 13.38
N ARG B 225 -23.06 -2.42 14.10
CA ARG B 225 -22.90 -2.32 15.55
C ARG B 225 -23.30 -3.63 16.22
N SER B 226 -22.75 -3.84 17.42
CA SER B 226 -23.03 -5.05 18.19
C SER B 226 -23.32 -4.70 19.65
#